data_8GXP
#
_entry.id   8GXP
#
_cell.length_a   62.124
_cell.length_b   62.124
_cell.length_c   160.561
_cell.angle_alpha   90.000
_cell.angle_beta   90.000
_cell.angle_gamma   90.000
#
_symmetry.space_group_name_H-M   'P 41 21 2'
#
loop_
_entity.id
_entity.type
_entity.pdbx_description
1 polymer 'Nuclear receptor ROR-gamma'
2 non-polymer 'Betulinic acid'
3 water water
#
_entity_poly.entity_id   1
_entity_poly.type   'polypeptide(L)'
_entity_poly.pdbx_seq_one_letter_code
;ENLYFQGASLTEIEHLVQSVCKSYRETCQLRLEDLLRQRSNIFSREEVTGYQRKSMWEMWERCAHHLTEAIQYVVEFAKR
LSGFMELCQNDQIVLLKAGAMEVVLVRMCRAYNADNRTVFFEGKYGGMELFRALGCSELISSIFDFSHSLSALHFSEDEI
ALYTALVLINAHRPGLQEKRKVEQLQYNLELAFHHHLCKTHRQSILAKLPPKGKLRSLCSQHVERLQIFQHLHPIVVQAA
FPPLYKELFSGGSGKEKHKILHRLLQDSS
;
_entity_poly.pdbx_strand_id   A
#
# COMPACT_ATOMS: atom_id res chain seq x y z
N ASN A 2 10.01 -7.26 19.42
CA ASN A 2 9.83 -8.30 20.42
C ASN A 2 11.05 -9.23 20.47
N LEU A 3 10.78 -10.53 20.46
CA LEU A 3 11.83 -11.52 20.20
C LEU A 3 12.65 -11.16 18.98
N TYR A 4 11.98 -10.69 17.92
CA TYR A 4 12.60 -10.46 16.63
C TYR A 4 13.41 -9.17 16.58
N PHE A 5 13.72 -8.57 17.72
CA PHE A 5 14.77 -7.56 17.82
C PHE A 5 16.12 -8.19 18.12
N GLN A 6 16.20 -9.52 18.11
CA GLN A 6 17.47 -10.25 18.19
C GLN A 6 17.43 -11.41 17.21
N GLY A 7 18.50 -12.19 17.19
CA GLY A 7 18.60 -13.29 16.24
C GLY A 7 17.54 -14.35 16.50
N ALA A 8 17.04 -14.94 15.43
CA ALA A 8 15.92 -15.88 15.49
C ALA A 8 16.32 -17.24 14.94
N SER A 9 15.84 -18.29 15.60
CA SER A 9 15.99 -19.66 15.13
C SER A 9 15.04 -19.93 13.97
N LEU A 10 15.23 -21.09 13.32
CA LEU A 10 14.36 -21.47 12.21
C LEU A 10 12.92 -21.57 12.66
N THR A 11 12.69 -22.21 13.82
CA THR A 11 11.35 -22.36 14.37
C THR A 11 10.71 -21.00 14.63
N GLU A 12 11.47 -20.06 15.18
CA GLU A 12 10.94 -18.71 15.38
C GLU A 12 10.70 -17.99 14.07
N ILE A 13 11.49 -18.30 13.04
CA ILE A 13 11.28 -17.72 11.71
C ILE A 13 9.98 -18.24 11.10
N GLU A 14 9.77 -19.56 11.16
CA GLU A 14 8.57 -20.16 10.59
C GLU A 14 7.27 -19.65 11.24
N HIS A 15 7.28 -19.37 12.54
CA HIS A 15 6.14 -18.83 13.30
C HIS A 15 5.96 -17.35 13.06
N LEU A 16 7.04 -16.65 12.66
CA LEU A 16 6.93 -15.29 12.19
C LEU A 16 6.21 -15.25 10.87
N VAL A 17 6.46 -16.25 10.01
CA VAL A 17 5.75 -16.37 8.76
C VAL A 17 4.25 -16.43 9.03
N GLN A 18 3.83 -17.34 9.90
CA GLN A 18 2.40 -17.47 10.22
C GLN A 18 1.85 -16.22 10.88
N SER A 19 2.66 -15.56 11.72
CA SER A 19 2.19 -14.34 12.37
C SER A 19 1.91 -13.25 11.34
N VAL A 20 2.87 -13.00 10.44
CA VAL A 20 2.69 -11.96 9.43
C VAL A 20 1.53 -12.30 8.50
N CYS A 21 1.44 -13.57 8.07
CA CYS A 21 0.35 -13.98 7.19
C CYS A 21 -1.00 -13.82 7.87
N LYS A 22 -1.06 -14.06 9.17
CA LYS A 22 -2.30 -13.83 9.91
C LYS A 22 -2.66 -12.35 9.94
N SER A 23 -1.72 -11.51 10.37
CA SER A 23 -1.98 -10.07 10.50
C SER A 23 -2.47 -9.47 9.19
N TYR A 24 -1.94 -9.95 8.06
CA TYR A 24 -2.41 -9.48 6.77
C TYR A 24 -3.82 -9.97 6.46
N ARG A 25 -4.10 -11.25 6.75
CA ARG A 25 -5.44 -11.78 6.55
C ARG A 25 -6.47 -10.98 7.34
N GLU A 26 -6.13 -10.59 8.57
CA GLU A 26 -7.05 -9.87 9.45
C GLU A 26 -7.23 -8.41 9.05
N THR A 27 -6.32 -7.85 8.23
CA THR A 27 -6.31 -6.42 7.98
C THR A 27 -6.37 -6.06 6.49
N CYS A 28 -6.70 -6.98 5.61
CA CYS A 28 -6.84 -6.64 4.20
C CYS A 28 -8.27 -6.16 3.96
N GLN A 29 -8.40 -5.04 3.24
CA GLN A 29 -9.69 -4.37 3.06
C GLN A 29 -10.75 -5.33 2.54
N LEU A 30 -10.50 -5.92 1.38
CA LEU A 30 -11.45 -6.82 0.73
C LEU A 30 -10.82 -8.19 0.58
N ARG A 31 -11.66 -9.22 0.66
CA ARG A 31 -11.17 -10.58 0.50
C ARG A 31 -10.87 -10.86 -0.97
N LEU A 32 -9.77 -11.57 -1.22
CA LEU A 32 -9.39 -11.88 -2.59
C LEU A 32 -10.53 -12.52 -3.36
N GLU A 33 -11.32 -13.37 -2.68
CA GLU A 33 -12.31 -14.16 -3.40
C GLU A 33 -13.42 -13.27 -3.93
N ASP A 34 -13.72 -12.18 -3.20
CA ASP A 34 -14.79 -11.27 -3.60
C ASP A 34 -14.31 -10.39 -4.75
N LEU A 35 -13.04 -10.00 -4.71
CA LEU A 35 -12.47 -9.20 -5.79
C LEU A 35 -12.47 -9.96 -7.11
N LEU A 36 -12.16 -11.26 -7.08
CA LEU A 36 -11.97 -12.04 -8.31
C LEU A 36 -13.28 -12.36 -8.97
N ARG A 37 -14.23 -12.57 -8.10
CA ARG A 37 -15.55 -12.94 -8.40
C ARG A 37 -16.36 -11.77 -8.99
N GLN A 38 -16.01 -10.53 -8.65
CA GLN A 38 -16.68 -9.33 -9.17
C GLN A 38 -15.98 -8.76 -10.41
N ARG A 39 -15.02 -9.49 -10.98
CA ARG A 39 -14.38 -9.03 -12.21
C ARG A 39 -15.36 -8.98 -13.38
N SER A 40 -16.42 -9.79 -13.34
CA SER A 40 -17.38 -9.83 -14.43
C SER A 40 -18.22 -8.55 -14.50
N ASN A 41 -18.41 -7.87 -13.40
CA ASN A 41 -19.09 -6.59 -13.41
C ASN A 41 -18.09 -5.42 -13.50
N ILE A 42 -18.23 -4.70 -14.61
CA ILE A 42 -17.36 -3.66 -15.12
C ILE A 42 -18.24 -2.45 -15.41
N PHE A 43 -17.69 -1.25 -15.27
CA PHE A 43 -18.47 -0.04 -15.53
C PHE A 43 -18.91 0.04 -16.99
N SER A 44 -20.13 0.50 -17.20
CA SER A 44 -20.61 0.71 -18.56
C SER A 44 -19.94 1.94 -19.17
N ARG A 45 -20.03 2.05 -20.50
CA ARG A 45 -19.48 3.23 -21.17
C ARG A 45 -20.17 4.50 -20.68
N GLU A 46 -21.44 4.40 -20.26
CA GLU A 46 -22.14 5.56 -19.72
C GLU A 46 -21.59 5.92 -18.34
N GLU A 47 -21.32 4.92 -17.50
CA GLU A 47 -20.81 5.18 -16.17
C GLU A 47 -19.41 5.78 -16.20
N VAL A 48 -18.57 5.31 -17.13
CA VAL A 48 -17.24 5.89 -17.28
C VAL A 48 -17.33 7.37 -17.63
N THR A 49 -18.25 7.71 -18.54
CA THR A 49 -18.44 9.11 -18.91
C THR A 49 -18.88 9.94 -17.70
N GLY A 50 -19.74 9.38 -16.85
CA GLY A 50 -20.13 10.08 -15.63
C GLY A 50 -18.94 10.41 -14.75
N TYR A 51 -17.99 9.48 -14.65
CA TYR A 51 -16.78 9.74 -13.86
C TYR A 51 -15.88 10.76 -14.54
N GLN A 52 -15.79 10.70 -15.87
CA GLN A 52 -14.94 11.63 -16.61
C GLN A 52 -15.52 13.04 -16.61
N ARG A 53 -16.84 13.18 -16.58
CA ARG A 53 -17.45 14.50 -16.55
C ARG A 53 -17.56 15.07 -15.14
N LYS A 54 -17.25 14.28 -14.12
CA LYS A 54 -17.16 14.82 -12.76
C LYS A 54 -16.05 15.87 -12.70
N SER A 55 -16.21 16.81 -11.77
CA SER A 55 -15.21 17.85 -11.63
C SER A 55 -13.92 17.29 -11.05
N MET A 56 -12.82 18.01 -11.31
CA MET A 56 -11.52 17.54 -10.85
C MET A 56 -11.45 17.49 -9.32
N TRP A 57 -11.89 18.55 -8.66
CA TRP A 57 -11.78 18.60 -7.20
C TRP A 57 -12.71 17.58 -6.54
N GLU A 58 -13.83 17.24 -7.18
CA GLU A 58 -14.68 16.18 -6.66
C GLU A 58 -14.04 14.81 -6.84
N MET A 59 -13.43 14.58 -8.00
CA MET A 59 -12.74 13.31 -8.23
C MET A 59 -11.57 13.15 -7.27
N TRP A 60 -10.77 14.20 -7.12
CA TRP A 60 -9.64 14.16 -6.19
C TRP A 60 -10.10 13.85 -4.77
N GLU A 61 -11.24 14.41 -4.37
CA GLU A 61 -11.72 14.19 -3.01
C GLU A 61 -12.21 12.75 -2.82
N ARG A 62 -12.99 12.24 -3.79
CA ARG A 62 -13.41 10.85 -3.71
C ARG A 62 -12.21 9.91 -3.65
N CYS A 63 -11.20 10.16 -4.49
CA CYS A 63 -10.03 9.28 -4.52
C CYS A 63 -9.23 9.41 -3.23
N ALA A 64 -9.13 10.61 -2.66
CA ALA A 64 -8.39 10.77 -1.41
C ALA A 64 -9.04 10.00 -0.27
N HIS A 65 -10.37 9.90 -0.28
CA HIS A 65 -11.06 9.18 0.79
C HIS A 65 -10.91 7.67 0.65
N HIS A 66 -11.00 7.16 -0.58
CA HIS A 66 -10.75 5.74 -0.79
C HIS A 66 -9.31 5.37 -0.45
N LEU A 67 -8.37 6.27 -0.76
CA LEU A 67 -6.97 6.05 -0.39
C LEU A 67 -6.79 6.06 1.12
N THR A 68 -7.44 7.00 1.80
CA THR A 68 -7.34 7.06 3.26
C THR A 68 -7.91 5.80 3.91
N GLU A 69 -9.04 5.31 3.39
CA GLU A 69 -9.61 4.07 3.92
C GLU A 69 -8.62 2.91 3.79
N ALA A 70 -7.93 2.81 2.64
CA ALA A 70 -6.94 1.77 2.46
C ALA A 70 -5.78 1.93 3.43
N ILE A 71 -5.33 3.17 3.64
CA ILE A 71 -4.24 3.42 4.59
C ILE A 71 -4.61 2.95 5.98
N GLN A 72 -5.90 3.09 6.35
CA GLN A 72 -6.32 2.74 7.71
C GLN A 72 -6.16 1.25 7.96
N TYR A 73 -6.42 0.42 6.96
CA TYR A 73 -6.17 -1.00 7.12
C TYR A 73 -4.68 -1.30 7.13
N VAL A 74 -3.88 -0.51 6.41
CA VAL A 74 -2.43 -0.67 6.45
C VAL A 74 -1.90 -0.36 7.84
N VAL A 75 -2.45 0.67 8.50
CA VAL A 75 -2.03 1.00 9.85
C VAL A 75 -2.34 -0.15 10.80
N GLU A 76 -3.55 -0.69 10.73
CA GLU A 76 -3.90 -1.83 11.58
C GLU A 76 -3.00 -3.03 11.29
N PHE A 77 -2.57 -3.20 10.04
CA PHE A 77 -1.63 -4.25 9.71
C PHE A 77 -0.30 -4.04 10.42
N ALA A 78 0.18 -2.80 10.47
CA ALA A 78 1.42 -2.51 11.17
C ALA A 78 1.29 -2.80 12.66
N LYS A 79 0.15 -2.46 13.26
CA LYS A 79 0.00 -2.63 14.70
C LYS A 79 -0.01 -4.10 15.09
N ARG A 80 -0.44 -4.97 14.18
CA ARG A 80 -0.42 -6.41 14.43
C ARG A 80 0.88 -7.07 14.01
N LEU A 81 1.83 -6.30 13.48
CA LEU A 81 3.11 -6.84 13.08
C LEU A 81 4.04 -6.96 14.28
N SER A 82 4.75 -8.09 14.36
CA SER A 82 5.66 -8.35 15.47
C SER A 82 6.70 -7.24 15.57
N GLY A 83 6.81 -6.64 16.74
CA GLY A 83 7.84 -5.65 17.01
C GLY A 83 7.48 -4.22 16.69
N PHE A 84 6.46 -3.98 15.86
CA PHE A 84 6.15 -2.61 15.46
C PHE A 84 5.74 -1.76 16.67
N MET A 85 4.83 -2.27 17.50
CA MET A 85 4.41 -1.50 18.67
C MET A 85 5.49 -1.43 19.73
N GLU A 86 6.45 -2.37 19.74
CA GLU A 86 7.60 -2.25 20.62
C GLU A 86 8.52 -1.11 20.20
N LEU A 87 8.51 -0.73 18.93
CA LEU A 87 9.28 0.41 18.47
C LEU A 87 8.79 1.69 19.14
N CYS A 88 9.63 2.72 19.12
CA CYS A 88 9.21 4.00 19.65
C CYS A 88 8.25 4.69 18.69
N GLN A 89 7.47 5.62 19.23
CA GLN A 89 6.40 6.22 18.44
C GLN A 89 6.94 7.09 17.31
N ASN A 90 8.09 7.74 17.50
CA ASN A 90 8.69 8.49 16.41
C ASN A 90 9.00 7.57 15.23
N ASP A 91 9.59 6.41 15.51
CA ASP A 91 9.91 5.47 14.44
C ASP A 91 8.66 4.85 13.83
N GLN A 92 7.63 4.60 14.64
CA GLN A 92 6.36 4.09 14.11
C GLN A 92 5.77 5.06 13.10
N ILE A 93 5.77 6.35 13.41
CA ILE A 93 5.23 7.35 12.49
C ILE A 93 6.14 7.52 11.27
N VAL A 94 7.46 7.41 11.47
CA VAL A 94 8.38 7.50 10.33
C VAL A 94 8.13 6.36 9.35
N LEU A 95 7.97 5.14 9.85
CA LEU A 95 7.77 3.99 8.97
C LEU A 95 6.43 4.07 8.26
N LEU A 96 5.37 4.46 8.97
CA LEU A 96 4.05 4.56 8.36
C LEU A 96 3.99 5.71 7.35
N LYS A 97 4.58 6.86 7.68
CA LYS A 97 4.51 8.00 6.78
C LYS A 97 5.21 7.71 5.46
N ALA A 98 6.25 6.88 5.47
CA ALA A 98 7.01 6.58 4.27
C ALA A 98 6.60 5.28 3.59
N GLY A 99 5.81 4.43 4.25
CA GLY A 99 5.54 3.12 3.71
C GLY A 99 4.08 2.81 3.44
N ALA A 100 3.17 3.43 4.21
CA ALA A 100 1.75 3.11 4.11
C ALA A 100 1.23 3.26 2.69
N MET A 101 1.67 4.30 1.98
CA MET A 101 1.30 4.46 0.58
C MET A 101 1.89 3.35 -0.28
N GLU A 102 3.17 3.02 -0.06
CA GLU A 102 3.81 1.95 -0.83
C GLU A 102 3.10 0.61 -0.62
N VAL A 103 2.63 0.36 0.60
CA VAL A 103 1.90 -0.87 0.87
C VAL A 103 0.58 -0.89 0.12
N VAL A 104 -0.14 0.24 0.12
CA VAL A 104 -1.39 0.33 -0.64
C VAL A 104 -1.12 0.10 -2.12
N LEU A 105 0.01 0.60 -2.62
CA LEU A 105 0.33 0.40 -4.04
C LEU A 105 0.58 -1.07 -4.36
N VAL A 106 1.02 -1.85 -3.39
CA VAL A 106 1.23 -3.28 -3.63
C VAL A 106 -0.07 -4.05 -3.46
N ARG A 107 -0.80 -3.77 -2.37
CA ARG A 107 -2.08 -4.41 -2.13
C ARG A 107 -3.02 -4.23 -3.31
N MET A 108 -2.82 -3.15 -4.07
CA MET A 108 -3.72 -2.79 -5.16
C MET A 108 -3.74 -3.84 -6.28
N CYS A 109 -2.65 -4.61 -6.43
CA CYS A 109 -2.61 -5.61 -7.49
C CYS A 109 -3.67 -6.70 -7.30
N ARG A 110 -4.18 -6.87 -6.09
CA ARG A 110 -5.29 -7.80 -5.88
C ARG A 110 -6.56 -7.29 -6.52
N ALA A 111 -6.78 -5.98 -6.53
CA ALA A 111 -7.96 -5.37 -7.11
C ALA A 111 -7.77 -5.05 -8.59
N TYR A 112 -6.71 -5.56 -9.21
CA TYR A 112 -6.37 -5.25 -10.59
C TYR A 112 -6.55 -6.50 -11.45
N ASN A 113 -7.11 -6.32 -12.64
CA ASN A 113 -7.38 -7.42 -13.56
C ASN A 113 -6.55 -7.19 -14.83
N ALA A 114 -5.43 -7.93 -14.94
CA ALA A 114 -4.54 -7.77 -16.08
C ALA A 114 -5.16 -8.26 -17.38
N ASP A 115 -6.22 -9.07 -17.31
CA ASP A 115 -6.87 -9.56 -18.53
C ASP A 115 -7.43 -8.41 -19.36
N ASN A 116 -8.00 -7.39 -18.70
CA ASN A 116 -8.57 -6.25 -19.39
C ASN A 116 -8.04 -4.92 -18.85
N ARG A 117 -7.01 -4.95 -18.01
CA ARG A 117 -6.36 -3.74 -17.47
C ARG A 117 -7.36 -2.83 -16.78
N THR A 118 -8.20 -3.41 -15.93
CA THR A 118 -9.16 -2.68 -15.14
C THR A 118 -8.86 -2.88 -13.67
N VAL A 119 -9.44 -2.01 -12.84
CA VAL A 119 -9.21 -2.05 -11.41
C VAL A 119 -10.56 -1.89 -10.72
N PHE A 120 -10.68 -2.49 -9.53
CA PHE A 120 -11.93 -2.45 -8.78
C PHE A 120 -12.04 -1.13 -8.04
N PHE A 121 -12.99 -0.29 -8.45
CA PHE A 121 -13.16 1.04 -7.89
C PHE A 121 -14.64 1.30 -7.70
N GLU A 122 -15.02 1.61 -6.46
CA GLU A 122 -16.39 2.02 -6.13
C GLU A 122 -17.43 1.04 -6.67
N GLY A 123 -17.17 -0.25 -6.44
CA GLY A 123 -18.14 -1.29 -6.69
C GLY A 123 -17.99 -2.04 -7.99
N LYS A 124 -17.28 -1.48 -8.98
CA LYS A 124 -17.14 -2.11 -10.27
C LYS A 124 -15.69 -2.02 -10.73
N TYR A 125 -15.40 -2.64 -11.86
CA TYR A 125 -14.07 -2.61 -12.45
C TYR A 125 -14.03 -1.59 -13.57
N GLY A 126 -12.97 -0.80 -13.61
CA GLY A 126 -12.81 0.21 -14.65
C GLY A 126 -11.35 0.38 -15.02
N GLY A 127 -11.13 0.69 -16.30
CA GLY A 127 -9.80 1.01 -16.78
C GLY A 127 -9.35 2.38 -16.30
N MET A 128 -8.15 2.76 -16.73
CA MET A 128 -7.56 3.99 -16.23
C MET A 128 -8.24 5.23 -16.80
N GLU A 129 -9.02 5.10 -17.88
CA GLU A 129 -9.80 6.22 -18.38
C GLU A 129 -10.86 6.68 -17.38
N LEU A 130 -11.18 5.84 -16.38
CA LEU A 130 -12.13 6.23 -15.35
C LEU A 130 -11.66 7.45 -14.57
N PHE A 131 -10.35 7.63 -14.45
CA PHE A 131 -9.77 8.69 -13.62
C PHE A 131 -9.31 9.89 -14.43
N ARG A 132 -9.82 10.06 -15.65
CA ARG A 132 -9.32 11.11 -16.53
C ARG A 132 -9.57 12.50 -15.94
N ALA A 133 -10.60 12.64 -15.10
CA ALA A 133 -10.91 13.93 -14.50
C ALA A 133 -9.89 14.34 -13.44
N LEU A 134 -8.97 13.45 -13.06
CA LEU A 134 -7.96 13.81 -12.07
C LEU A 134 -6.90 14.75 -12.65
N GLY A 135 -6.66 14.68 -13.96
CA GLY A 135 -5.61 15.49 -14.55
C GLY A 135 -4.20 15.05 -14.22
N CYS A 136 -3.98 13.77 -13.90
CA CYS A 136 -2.64 13.24 -13.72
C CYS A 136 -2.56 11.88 -14.44
N SER A 137 -2.84 11.91 -15.74
CA SER A 137 -2.87 10.68 -16.53
C SER A 137 -1.52 9.97 -16.53
N GLU A 138 -0.43 10.72 -16.44
CA GLU A 138 0.89 10.11 -16.40
C GLU A 138 1.08 9.30 -15.13
N LEU A 139 0.62 9.82 -13.98
CA LEU A 139 0.71 9.08 -12.73
C LEU A 139 -0.24 7.90 -12.72
N ILE A 140 -1.47 8.08 -13.22
CA ILE A 140 -2.42 6.98 -13.29
C ILE A 140 -1.86 5.84 -14.13
N SER A 141 -1.32 6.19 -15.30
CA SER A 141 -0.75 5.16 -16.19
C SER A 141 0.40 4.44 -15.51
N SER A 142 1.24 5.16 -14.76
CA SER A 142 2.36 4.53 -14.08
C SER A 142 1.89 3.55 -13.01
N ILE A 143 0.80 3.87 -12.32
CA ILE A 143 0.29 2.99 -11.28
C ILE A 143 -0.37 1.76 -11.90
N PHE A 144 -1.08 1.93 -13.02
CA PHE A 144 -1.65 0.78 -13.70
C PHE A 144 -0.57 -0.14 -14.24
N ASP A 145 0.53 0.44 -14.74
CA ASP A 145 1.66 -0.39 -15.18
C ASP A 145 2.26 -1.14 -14.01
N PHE A 146 2.41 -0.48 -12.86
CA PHE A 146 2.98 -1.13 -11.68
C PHE A 146 2.14 -2.33 -11.26
N SER A 147 0.82 -2.14 -11.15
CA SER A 147 -0.06 -3.27 -10.82
C SER A 147 0.00 -4.35 -11.88
N HIS A 148 0.22 -3.97 -13.13
CA HIS A 148 0.31 -4.97 -14.20
C HIS A 148 1.54 -5.84 -14.03
N SER A 149 2.69 -5.22 -13.71
CA SER A 149 3.90 -6.00 -13.53
C SER A 149 3.81 -6.88 -12.29
N LEU A 150 3.16 -6.39 -11.22
CA LEU A 150 2.98 -7.21 -10.04
C LEU A 150 2.07 -8.40 -10.33
N SER A 151 1.00 -8.17 -11.11
CA SER A 151 0.10 -9.27 -11.46
C SER A 151 0.80 -10.34 -12.27
N ALA A 152 1.85 -9.97 -13.01
CA ALA A 152 2.63 -10.96 -13.76
C ALA A 152 3.36 -11.92 -12.85
N LEU A 153 3.61 -11.52 -11.59
CA LEU A 153 4.30 -12.38 -10.65
C LEU A 153 3.40 -13.42 -10.02
N HIS A 154 2.08 -13.28 -10.16
CA HIS A 154 1.10 -14.21 -9.60
C HIS A 154 1.36 -14.44 -8.11
N PHE A 155 1.29 -13.34 -7.36
CA PHE A 155 1.46 -13.40 -5.92
C PHE A 155 0.41 -14.31 -5.28
N SER A 156 0.81 -15.01 -4.24
CA SER A 156 -0.14 -15.57 -3.29
C SER A 156 -0.45 -14.53 -2.21
N GLU A 157 -1.51 -14.80 -1.44
CA GLU A 157 -1.83 -13.89 -0.34
C GLU A 157 -0.70 -13.89 0.70
N ASP A 158 -0.14 -15.05 1.00
CA ASP A 158 0.97 -15.12 1.95
C ASP A 158 2.18 -14.35 1.44
N GLU A 159 2.45 -14.42 0.14
CA GLU A 159 3.59 -13.69 -0.42
C GLU A 159 3.39 -12.18 -0.31
N ILE A 160 2.18 -11.71 -0.59
CA ILE A 160 1.86 -10.30 -0.42
C ILE A 160 2.01 -9.90 1.04
N ALA A 161 1.58 -10.78 1.95
CA ALA A 161 1.72 -10.51 3.38
C ALA A 161 3.17 -10.24 3.75
N LEU A 162 4.07 -11.17 3.39
CA LEU A 162 5.47 -11.06 3.78
C LEU A 162 6.18 -9.94 3.03
N TYR A 163 5.80 -9.69 1.77
CA TYR A 163 6.42 -8.61 1.01
C TYR A 163 6.03 -7.25 1.58
N THR A 164 4.72 -7.04 1.81
CA THR A 164 4.30 -5.73 2.32
C THR A 164 4.81 -5.48 3.72
N ALA A 165 5.00 -6.54 4.52
CA ALA A 165 5.66 -6.38 5.80
C ALA A 165 7.06 -5.78 5.64
N LEU A 166 7.81 -6.26 4.65
CA LEU A 166 9.14 -5.75 4.37
C LEU A 166 9.11 -4.34 3.80
N VAL A 167 8.06 -3.98 3.06
CA VAL A 167 7.92 -2.61 2.58
C VAL A 167 7.82 -1.65 3.75
N LEU A 168 7.04 -2.02 4.78
CA LEU A 168 6.87 -1.16 5.95
C LEU A 168 8.13 -1.11 6.80
N ILE A 169 8.63 -2.28 7.20
CA ILE A 169 9.76 -2.36 8.12
C ILE A 169 11.06 -2.19 7.34
N ASN A 170 11.46 -0.94 7.14
CA ASN A 170 12.58 -0.57 6.28
C ASN A 170 13.51 0.30 7.11
N ALA A 171 14.65 -0.25 7.53
CA ALA A 171 15.57 0.45 8.41
C ALA A 171 16.30 1.60 7.73
N HIS A 172 16.10 1.82 6.43
CA HIS A 172 16.76 2.89 5.72
C HIS A 172 15.96 4.19 5.71
N ARG A 173 14.78 4.21 6.31
CA ARG A 173 13.95 5.41 6.26
C ARG A 173 14.64 6.56 6.97
N PRO A 174 14.74 7.74 6.35
CA PRO A 174 15.27 8.91 7.05
C PRO A 174 14.43 9.23 8.27
N GLY A 175 15.09 9.43 9.41
CA GLY A 175 14.43 9.87 10.63
C GLY A 175 14.27 8.81 11.69
N LEU A 176 14.70 7.58 11.44
CA LEU A 176 14.58 6.53 12.45
C LEU A 176 15.55 6.79 13.59
N GLN A 177 15.04 6.68 14.81
CA GLN A 177 15.85 6.94 16.00
C GLN A 177 16.51 5.68 16.52
N GLU A 178 15.83 4.54 16.45
CA GLU A 178 16.38 3.25 16.83
C GLU A 178 16.58 2.41 15.57
N LYS A 179 17.55 2.83 14.77
CA LYS A 179 17.78 2.22 13.47
C LYS A 179 18.15 0.76 13.59
N ARG A 180 19.17 0.45 14.41
CA ARG A 180 19.63 -0.94 14.54
C ARG A 180 18.52 -1.86 15.00
N LYS A 181 17.61 -1.36 15.84
CA LYS A 181 16.50 -2.21 16.27
C LYS A 181 15.50 -2.44 15.15
N VAL A 182 15.32 -1.46 14.26
CA VAL A 182 14.54 -1.70 13.06
C VAL A 182 15.29 -2.61 12.11
N GLU A 183 16.63 -2.50 12.07
CA GLU A 183 17.43 -3.37 11.20
C GLU A 183 17.24 -4.85 11.55
N GLN A 184 17.18 -5.16 12.84
CA GLN A 184 17.01 -6.55 13.24
C GLN A 184 15.62 -7.06 12.89
N LEU A 185 14.59 -6.23 13.09
CA LEU A 185 13.24 -6.63 12.71
C LEU A 185 13.15 -6.88 11.21
N GLN A 186 13.74 -5.99 10.40
CA GLN A 186 13.74 -6.20 8.96
C GLN A 186 14.49 -7.47 8.59
N TYR A 187 15.61 -7.75 9.27
CA TYR A 187 16.37 -8.95 8.96
C TYR A 187 15.56 -10.20 9.19
N ASN A 188 14.88 -10.28 10.34
CA ASN A 188 14.07 -11.46 10.63
C ASN A 188 12.91 -11.59 9.65
N LEU A 189 12.32 -10.46 9.25
CA LEU A 189 11.23 -10.49 8.30
C LEU A 189 11.72 -10.89 6.90
N GLU A 190 12.97 -10.60 6.56
CA GLU A 190 13.48 -11.05 5.27
C GLU A 190 13.79 -12.54 5.28
N LEU A 191 14.29 -13.06 6.41
CA LEU A 191 14.43 -14.51 6.56
C LEU A 191 13.07 -15.20 6.42
N ALA A 192 12.06 -14.68 7.12
CA ALA A 192 10.72 -15.25 7.03
C ALA A 192 10.22 -15.25 5.58
N PHE A 193 10.37 -14.12 4.89
CA PHE A 193 9.99 -14.04 3.48
C PHE A 193 10.77 -15.08 2.66
N HIS A 194 12.09 -15.06 2.75
CA HIS A 194 12.90 -15.94 1.91
C HIS A 194 12.73 -17.41 2.33
N HIS A 195 12.47 -17.68 3.60
CA HIS A 195 12.18 -19.04 4.02
C HIS A 195 10.89 -19.54 3.39
N HIS A 196 9.89 -18.67 3.27
CA HIS A 196 8.62 -19.08 2.69
C HIS A 196 8.76 -19.36 1.20
N LEU A 197 9.55 -18.54 0.50
CA LEU A 197 9.74 -18.75 -0.94
C LEU A 197 10.54 -20.03 -1.21
N CYS A 198 11.57 -20.29 -0.40
CA CYS A 198 12.31 -21.54 -0.54
C CYS A 198 11.41 -22.74 -0.32
N LYS A 199 10.60 -22.72 0.75
CA LYS A 199 9.72 -23.84 1.07
C LYS A 199 8.69 -24.08 -0.03
N THR A 200 8.23 -23.02 -0.69
CA THR A 200 7.22 -23.14 -1.73
C THR A 200 7.81 -23.12 -3.13
N HIS A 201 9.13 -23.23 -3.26
CA HIS A 201 9.82 -23.18 -4.56
C HIS A 201 9.38 -21.97 -5.37
N ARG A 202 9.51 -20.80 -4.74
CA ARG A 202 9.02 -19.55 -5.30
C ARG A 202 10.07 -18.46 -5.27
N GLN A 203 11.35 -18.82 -5.09
CA GLN A 203 12.40 -17.81 -5.02
C GLN A 203 12.66 -17.13 -6.36
N SER A 204 12.24 -17.74 -7.47
CA SER A 204 12.45 -17.13 -8.78
C SER A 204 11.83 -15.73 -8.87
N ILE A 205 10.85 -15.41 -8.04
CA ILE A 205 10.24 -14.07 -8.06
C ILE A 205 11.12 -13.02 -7.40
N LEU A 206 12.16 -13.43 -6.67
CA LEU A 206 12.99 -12.45 -5.97
C LEU A 206 13.66 -11.50 -6.96
N ALA A 207 14.24 -12.04 -8.02
CA ALA A 207 14.84 -11.20 -9.05
C ALA A 207 13.79 -10.49 -9.90
N LYS A 208 12.52 -10.85 -9.77
CA LYS A 208 11.45 -10.24 -10.54
C LYS A 208 10.70 -9.16 -9.76
N LEU A 209 11.03 -8.97 -8.49
CA LEU A 209 10.33 -7.99 -7.68
C LEU A 209 10.64 -6.57 -8.18
N PRO A 210 9.74 -5.62 -7.97
CA PRO A 210 9.99 -4.25 -8.43
C PRO A 210 11.21 -3.66 -7.74
N PRO A 211 12.01 -2.86 -8.45
CA PRO A 211 13.18 -2.24 -7.82
C PRO A 211 12.78 -1.25 -6.74
N LYS A 212 13.75 -0.97 -5.86
CA LYS A 212 13.49 -0.16 -4.68
C LYS A 212 12.94 1.22 -5.05
N GLY A 213 13.55 1.85 -6.04
CA GLY A 213 13.21 3.21 -6.39
C GLY A 213 11.90 3.39 -7.13
N LYS A 214 11.19 2.31 -7.47
CA LYS A 214 9.93 2.54 -8.17
C LYS A 214 8.78 2.82 -7.21
N LEU A 215 8.73 2.11 -6.07
CA LEU A 215 7.74 2.45 -5.06
C LEU A 215 7.97 3.85 -4.52
N ARG A 216 9.23 4.23 -4.33
CA ARG A 216 9.54 5.59 -3.90
C ARG A 216 9.20 6.61 -4.99
N SER A 217 9.40 6.25 -6.26
CA SER A 217 9.10 7.17 -7.35
C SER A 217 7.59 7.35 -7.53
N LEU A 218 6.82 6.28 -7.38
CA LEU A 218 5.36 6.43 -7.45
C LEU A 218 4.85 7.31 -6.33
N CYS A 219 5.40 7.15 -5.12
CA CYS A 219 4.96 7.96 -3.99
C CYS A 219 5.34 9.42 -4.19
N SER A 220 6.50 9.67 -4.79
CA SER A 220 6.91 11.05 -5.07
C SER A 220 5.99 11.69 -6.10
N GLN A 221 5.67 10.96 -7.16
CA GLN A 221 4.74 11.48 -8.16
C GLN A 221 3.40 11.83 -7.53
N HIS A 222 2.96 11.04 -6.56
CA HIS A 222 1.68 11.32 -5.90
C HIS A 222 1.76 12.60 -5.09
N VAL A 223 2.82 12.76 -4.29
CA VAL A 223 3.00 14.03 -3.58
C VAL A 223 3.19 15.17 -4.56
N GLU A 224 3.90 14.91 -5.66
CA GLU A 224 4.05 15.88 -6.74
C GLU A 224 2.71 16.36 -7.28
N ARG A 225 1.82 15.42 -7.63
CA ARG A 225 0.52 15.82 -8.19
C ARG A 225 -0.38 16.44 -7.15
N LEU A 226 -0.26 16.01 -5.88
CA LEU A 226 -1.09 16.60 -4.83
C LEU A 226 -0.78 18.07 -4.63
N GLN A 227 0.51 18.45 -4.66
CA GLN A 227 0.85 19.86 -4.49
C GLN A 227 0.35 20.70 -5.65
N ILE A 228 0.32 20.12 -6.86
CA ILE A 228 -0.25 20.84 -8.01
C ILE A 228 -1.75 21.04 -7.84
N PHE A 229 -2.45 20.02 -7.33
CA PHE A 229 -3.87 20.16 -7.09
C PHE A 229 -4.13 21.16 -5.95
N GLN A 230 -3.29 21.13 -4.92
CA GLN A 230 -3.51 22.01 -3.78
C GLN A 230 -3.36 23.47 -4.16
N HIS A 231 -2.42 23.78 -5.07
CA HIS A 231 -2.26 25.15 -5.53
C HIS A 231 -3.48 25.63 -6.30
N LEU A 232 -4.15 24.73 -7.02
CA LEU A 232 -5.32 25.09 -7.81
C LEU A 232 -6.61 25.11 -6.98
N HIS A 233 -6.66 24.35 -5.88
CA HIS A 233 -7.86 24.29 -5.05
C HIS A 233 -7.44 24.14 -3.59
N PRO A 234 -6.86 25.19 -3.02
CA PRO A 234 -6.39 25.08 -1.62
C PRO A 234 -7.51 24.92 -0.61
N ILE A 235 -8.68 25.53 -0.84
CA ILE A 235 -9.76 25.41 0.14
C ILE A 235 -10.40 24.03 0.09
N VAL A 236 -10.36 23.35 -1.06
CA VAL A 236 -10.91 22.01 -1.15
C VAL A 236 -10.10 21.06 -0.26
N VAL A 237 -8.77 21.14 -0.36
CA VAL A 237 -7.90 20.32 0.49
C VAL A 237 -8.11 20.67 1.95
N GLN A 238 -8.20 21.97 2.25
CA GLN A 238 -8.34 22.40 3.64
C GLN A 238 -9.67 21.95 4.23
N ALA A 239 -10.74 22.00 3.44
CA ALA A 239 -12.09 21.78 3.96
C ALA A 239 -12.63 20.38 3.73
N ALA A 240 -12.15 19.66 2.71
CA ALA A 240 -12.79 18.40 2.33
C ALA A 240 -11.86 17.21 2.24
N PHE A 241 -10.54 17.39 2.35
CA PHE A 241 -9.68 16.21 2.32
C PHE A 241 -9.60 15.58 3.72
N PRO A 242 -9.45 14.26 3.78
CA PRO A 242 -9.40 13.58 5.09
C PRO A 242 -8.20 14.04 5.91
N PRO A 243 -8.37 14.22 7.22
CA PRO A 243 -7.23 14.62 8.05
C PRO A 243 -6.04 13.68 7.97
N LEU A 244 -6.27 12.38 7.97
CA LEU A 244 -5.14 11.44 7.87
C LEU A 244 -4.40 11.62 6.56
N TYR A 245 -5.14 11.88 5.47
CA TYR A 245 -4.51 12.08 4.17
C TYR A 245 -3.60 13.30 4.18
N LYS A 246 -4.03 14.39 4.82
CA LYS A 246 -3.23 15.61 4.84
C LYS A 246 -2.03 15.46 5.78
N GLU A 247 -2.17 14.66 6.83
CA GLU A 247 -1.04 14.44 7.73
C GLU A 247 0.07 13.67 7.05
N LEU A 248 -0.27 12.77 6.12
CA LEU A 248 0.71 11.89 5.50
C LEU A 248 1.34 12.49 4.25
N PHE A 249 0.55 13.16 3.42
CA PHE A 249 1.00 13.61 2.12
C PHE A 249 1.05 15.12 1.96
N SER A 250 0.57 15.88 2.96
CA SER A 250 0.48 17.34 2.88
C SER A 250 1.09 17.97 4.12
N GLY A 251 2.27 17.49 4.52
CA GLY A 251 2.97 18.12 5.64
C GLY A 251 2.19 18.02 6.93
N GLY A 252 1.92 19.18 7.54
CA GLY A 252 1.24 19.25 8.83
C GLY A 252 -0.12 18.58 8.90
N LYS A 259 -3.15 15.44 14.67
CA LYS A 259 -2.26 14.29 14.45
C LYS A 259 -3.00 12.97 14.64
N ILE A 260 -3.63 12.48 13.56
CA ILE A 260 -4.50 11.31 13.65
C ILE A 260 -3.71 10.03 13.80
N LEU A 261 -2.49 9.96 13.24
CA LEU A 261 -1.65 8.78 13.41
C LEU A 261 -1.38 8.51 14.87
N HIS A 262 -1.12 9.56 15.65
CA HIS A 262 -0.94 9.40 17.09
C HIS A 262 -2.15 8.71 17.71
N ARG A 263 -3.36 9.12 17.33
CA ARG A 263 -4.55 8.53 17.92
C ARG A 263 -4.71 7.07 17.49
N LEU A 264 -4.58 6.80 16.20
CA LEU A 264 -4.75 5.43 15.70
C LEU A 264 -3.75 4.48 16.32
N LEU A 265 -2.52 4.95 16.54
CA LEU A 265 -1.48 4.10 17.12
C LEU A 265 -1.69 3.82 18.59
N GLN A 266 -2.68 4.45 19.24
CA GLN A 266 -2.92 4.25 20.65
C GLN A 266 -4.37 3.87 20.92
#